data_9BRG
#
_entry.id   9BRG
#
_cell.length_a   137.711
_cell.length_b   137.711
_cell.length_c   70.922
_cell.angle_alpha   90.000
_cell.angle_beta   90.000
_cell.angle_gamma   90.000
#
_symmetry.space_group_name_H-M   'P 41 21 2'
#
loop_
_entity.id
_entity.type
_entity.pdbx_description
1 polymer 'G protein-coupled receptor kinase 5'
2 non-polymer (3Z)-N-[(1R)-1-(4-fluorophenyl)ethyl]-3-({4-[(furan-2-carbonyl)amino]-3,5-dimethyl-1H-pyrrol-2-yl}methylidene)-2-oxo-3,7-dihydro-2H-indole-5-carboxamide
3 water water
#
_entity_poly.entity_id   1
_entity_poly.type   'polypeptide(L)'
_entity_poly.pdbx_seq_one_letter_code
;MELENIVANTVLLKAREGGGGKRKGKSKKWKEILKFPHISQCEDLRRTIDRDYCSLCDKQPIGRLLFRQFCETRPGLECY
IQFLDSVAEYEVTPDEKLGEKGKEIMTKYLTPKSPVFIAQVGQDLVSQTEEKLLQKPCKELFSACAQSVHEYLRGEPFHE
YLDSMFFDRFLQWKWLERQPVTKNTFRQYRVLGKGGFGEVCACQVRATGKMYACKRLEKKRIKKRKGESMALNEKQILEK
VNSQFVVNLAYAYETKDALCLVLTIMNGGDLKFHIYNMGNPGFEEERALFYAAEILCGLEDLHRENTVYRNLKPENILLD
DYGHIRISDLGLAVKIPEGDLIRGRVGTVGYMAPEVLNNQRYGLSPDYWGLGCLIYEMIEGQSPFRGRKEKVKREEVDRR
VLETEEVYSHKFSEEAKSICKMLLTKDAKQRLGCQEEGAAEVKRHPFFRNMNFKRLEAGMLDPPFVPDPRAVYCKDVLDI
EQFSTVKGVNLDHTDDDFYSKFSTGSVSIPWQNEMIETECFKELNVFGPNGTLPPDLNRNHPPEPPKKGLLQRLFKRQHQ
NNSKSSPSSKTSFNHHINSNHVSSNSTGSSVDHHHHHH
;
_entity_poly.pdbx_strand_id   A
#
# COMPACT_ATOMS: atom_id res chain seq x y z
N GLY A 25 -18.43 15.69 2.87
CA GLY A 25 -19.31 16.44 2.00
C GLY A 25 -19.82 15.62 0.83
N LYS A 26 -20.75 14.70 1.12
CA LYS A 26 -21.29 13.84 0.09
C LYS A 26 -22.38 14.56 -0.70
N SER A 27 -22.70 14.01 -1.87
CA SER A 27 -23.73 14.59 -2.71
C SER A 27 -25.08 14.52 -2.00
N LYS A 28 -26.00 15.40 -2.44
CA LYS A 28 -27.33 15.44 -1.81
C LYS A 28 -28.04 14.10 -1.95
N LYS A 29 -27.98 13.49 -3.14
CA LYS A 29 -28.66 12.23 -3.38
C LYS A 29 -27.64 11.10 -3.52
N TRP A 30 -26.68 11.05 -2.59
CA TRP A 30 -25.65 10.01 -2.66
C TRP A 30 -26.22 8.64 -2.36
N LYS A 31 -27.30 8.56 -1.56
CA LYS A 31 -27.96 7.29 -1.33
C LYS A 31 -28.61 6.75 -2.60
N GLU A 32 -28.95 7.61 -3.55
CA GLU A 32 -29.50 7.15 -4.82
C GLU A 32 -28.40 6.67 -5.76
N ILE A 33 -27.21 7.27 -5.68
CA ILE A 33 -26.11 6.87 -6.56
C ILE A 33 -25.58 5.50 -6.14
N LEU A 34 -25.32 5.32 -4.84
CA LEU A 34 -24.89 4.04 -4.31
C LEU A 34 -26.07 3.17 -3.88
N LYS A 35 -27.26 3.41 -4.43
CA LYS A 35 -28.40 2.57 -4.10
C LYS A 35 -28.11 1.13 -4.52
N PHE A 36 -28.34 0.20 -3.61
CA PHE A 36 -28.10 -1.20 -3.90
C PHE A 36 -29.00 -1.64 -5.06
N PRO A 37 -28.47 -2.36 -6.05
CA PRO A 37 -29.34 -2.99 -7.05
C PRO A 37 -30.05 -4.19 -6.43
N HIS A 38 -31.15 -4.58 -7.06
CA HIS A 38 -31.84 -5.79 -6.63
C HIS A 38 -30.94 -6.99 -6.93
N ILE A 39 -30.93 -7.95 -6.01
CA ILE A 39 -30.03 -9.09 -6.05
C ILE A 39 -30.18 -9.81 -7.39
N SER A 40 -31.33 -9.65 -8.03
CA SER A 40 -31.55 -10.29 -9.33
C SER A 40 -30.64 -9.70 -10.41
N GLN A 41 -30.09 -8.51 -10.19
CA GLN A 41 -29.21 -7.88 -11.17
C GLN A 41 -27.80 -8.45 -11.16
N CYS A 42 -27.44 -9.27 -10.17
CA CYS A 42 -26.07 -9.71 -9.97
C CYS A 42 -25.87 -11.18 -10.31
N GLU A 43 -26.82 -11.81 -11.01
CA GLU A 43 -26.67 -13.22 -11.33
C GLU A 43 -25.43 -13.46 -12.19
N ASP A 44 -25.15 -12.55 -13.11
CA ASP A 44 -23.94 -12.69 -13.93
C ASP A 44 -22.69 -12.57 -13.09
N LEU A 45 -22.72 -11.71 -12.06
CA LEU A 45 -21.59 -11.62 -11.14
C LEU A 45 -21.44 -12.90 -10.32
N ARG A 46 -22.56 -13.51 -9.93
CA ARG A 46 -22.50 -14.70 -9.08
C ARG A 46 -21.76 -15.84 -9.78
N ARG A 47 -21.91 -15.96 -11.10
CA ARG A 47 -21.35 -17.08 -11.85
C ARG A 47 -20.01 -16.73 -12.50
N THR A 48 -19.43 -15.57 -12.21
CA THR A 48 -18.12 -15.21 -12.74
C THR A 48 -17.09 -14.90 -11.67
N ILE A 49 -17.51 -14.36 -10.52
CA ILE A 49 -16.56 -14.09 -9.44
C ILE A 49 -15.99 -15.40 -8.92
N ASP A 50 -14.67 -15.50 -8.87
CA ASP A 50 -14.02 -16.69 -8.35
C ASP A 50 -14.23 -16.79 -6.84
N ARG A 51 -14.71 -17.94 -6.38
CA ARG A 51 -14.97 -18.17 -4.96
C ARG A 51 -13.69 -18.53 -4.23
N ASP A 52 -12.78 -17.55 -4.18
CA ASP A 52 -11.51 -17.69 -3.45
C ASP A 52 -11.70 -17.15 -2.04
N TYR A 53 -11.39 -17.99 -1.04
CA TYR A 53 -11.61 -17.60 0.35
C TYR A 53 -10.78 -16.37 0.73
N CYS A 54 -9.47 -16.42 0.44
CA CYS A 54 -8.60 -15.31 0.82
C CYS A 54 -9.03 -14.02 0.15
N SER A 55 -9.52 -14.09 -1.08
CA SER A 55 -9.93 -12.87 -1.79
C SER A 55 -11.26 -12.35 -1.26
N LEU A 56 -12.25 -13.23 -1.12
CA LEU A 56 -13.60 -12.82 -0.74
C LEU A 56 -13.74 -12.53 0.75
N CYS A 57 -12.86 -13.08 1.59
CA CYS A 57 -13.01 -12.94 3.04
C CYS A 57 -11.85 -12.22 3.71
N ASP A 58 -10.83 -11.80 2.98
CA ASP A 58 -9.69 -11.15 3.60
C ASP A 58 -9.17 -9.98 2.77
N LYS A 59 -8.66 -10.27 1.56
CA LYS A 59 -8.08 -9.22 0.73
C LYS A 59 -9.07 -8.08 0.50
N GLN A 60 -10.25 -8.40 -0.02
CA GLN A 60 -11.22 -7.36 -0.35
C GLN A 60 -11.85 -6.82 0.93
N PRO A 61 -11.69 -5.53 1.24
CA PRO A 61 -12.14 -5.03 2.55
C PRO A 61 -13.62 -5.28 2.83
N ILE A 62 -14.49 -5.03 1.86
CA ILE A 62 -15.93 -5.16 2.12
C ILE A 62 -16.32 -6.62 2.25
N GLY A 63 -15.74 -7.50 1.41
CA GLY A 63 -15.98 -8.92 1.57
C GLY A 63 -15.49 -9.43 2.91
N ARG A 64 -14.37 -8.89 3.39
CA ARG A 64 -13.87 -9.26 4.72
C ARG A 64 -14.89 -8.90 5.80
N LEU A 65 -15.40 -7.67 5.77
CA LEU A 65 -16.36 -7.25 6.79
C LEU A 65 -17.65 -8.07 6.70
N LEU A 66 -18.10 -8.37 5.48
CA LEU A 66 -19.34 -9.11 5.33
C LEU A 66 -19.19 -10.55 5.82
N PHE A 67 -18.05 -11.18 5.54
CA PHE A 67 -17.83 -12.53 6.07
C PHE A 67 -17.75 -12.50 7.59
N ARG A 68 -17.02 -11.53 8.15
CA ARG A 68 -17.01 -11.37 9.60
C ARG A 68 -18.45 -11.25 10.12
N GLN A 69 -19.25 -10.39 9.49
CA GLN A 69 -20.61 -10.17 9.95
C GLN A 69 -21.43 -11.46 9.89
N PHE A 70 -21.20 -12.28 8.87
CA PHE A 70 -21.87 -13.58 8.80
C PHE A 70 -21.49 -14.45 9.99
N CYS A 71 -20.21 -14.42 10.38
CA CYS A 71 -19.77 -15.14 11.56
C CYS A 71 -20.35 -14.55 12.84
N GLU A 72 -20.78 -13.27 12.81
CA GLU A 72 -21.41 -12.69 13.99
C GLU A 72 -22.76 -13.33 14.27
N THR A 73 -23.42 -13.86 13.24
CA THR A 73 -24.75 -14.44 13.42
C THR A 73 -24.71 -15.88 13.93
N ARG A 74 -23.54 -16.53 13.87
CA ARG A 74 -23.39 -17.91 14.33
C ARG A 74 -22.66 -17.93 15.66
N PRO A 75 -23.17 -18.63 16.68
CA PRO A 75 -22.44 -18.65 17.95
C PRO A 75 -21.15 -19.44 17.89
N GLY A 76 -21.08 -20.47 17.04
CA GLY A 76 -19.86 -21.25 16.95
C GLY A 76 -18.76 -20.51 16.23
N LEU A 77 -19.10 -19.76 15.17
CA LEU A 77 -18.10 -19.05 14.39
C LEU A 77 -17.64 -17.77 15.08
N GLU A 78 -18.46 -17.20 15.96
CA GLU A 78 -18.11 -15.93 16.60
C GLU A 78 -16.73 -15.98 17.23
N CYS A 79 -16.50 -16.95 18.10
CA CYS A 79 -15.26 -16.99 18.87
C CYS A 79 -14.03 -17.07 17.99
N TYR A 80 -14.16 -17.56 16.75
CA TYR A 80 -13.00 -17.65 15.87
C TYR A 80 -12.61 -16.30 15.29
N ILE A 81 -13.56 -15.39 15.12
CA ILE A 81 -13.23 -14.04 14.65
C ILE A 81 -12.62 -13.22 15.78
N GLN A 82 -13.13 -13.39 17.01
CA GLN A 82 -12.56 -12.66 18.14
C GLN A 82 -11.12 -13.06 18.38
N PHE A 83 -10.79 -14.33 18.15
CA PHE A 83 -9.43 -14.81 18.40
C PHE A 83 -8.45 -14.23 17.39
N LEU A 84 -8.78 -14.30 16.10
CA LEU A 84 -7.92 -13.70 15.08
C LEU A 84 -7.68 -12.23 15.38
N ASP A 85 -8.71 -11.51 15.85
CA ASP A 85 -8.51 -10.14 16.27
C ASP A 85 -7.50 -10.05 17.41
N SER A 86 -7.63 -10.93 18.40
CA SER A 86 -6.72 -10.90 19.54
C SER A 86 -5.29 -11.27 19.13
N VAL A 87 -5.14 -12.13 18.13
CA VAL A 87 -3.80 -12.43 17.62
C VAL A 87 -3.22 -11.22 16.90
N ALA A 88 -4.04 -10.55 16.08
CA ALA A 88 -3.60 -9.33 15.43
C ALA A 88 -3.12 -8.31 16.45
N GLU A 89 -3.83 -8.19 17.58
CA GLU A 89 -3.38 -7.32 18.66
C GLU A 89 -2.09 -7.83 19.27
N TYR A 90 -1.96 -9.15 19.39
CA TYR A 90 -0.75 -9.72 19.99
C TYR A 90 0.48 -9.44 19.12
N GLU A 91 0.31 -9.45 17.80
CA GLU A 91 1.46 -9.29 16.91
C GLU A 91 2.10 -7.91 17.04
N VAL A 92 1.33 -6.90 17.45
CA VAL A 92 1.80 -5.53 17.51
C VAL A 92 2.04 -5.05 18.93
N THR A 93 1.86 -5.90 19.93
CA THR A 93 2.09 -5.49 21.31
C THR A 93 3.59 -5.33 21.57
N PRO A 94 3.96 -4.45 22.50
CA PRO A 94 5.38 -4.30 22.84
C PRO A 94 5.95 -5.60 23.39
N ASP A 95 7.28 -5.70 23.35
CA ASP A 95 7.95 -6.92 23.78
C ASP A 95 7.73 -7.16 25.26
N GLU A 96 7.89 -6.13 26.09
CA GLU A 96 7.74 -6.31 27.53
C GLU A 96 6.31 -6.63 27.94
N LYS A 97 5.35 -6.54 27.00
CA LYS A 97 3.95 -6.81 27.30
C LYS A 97 3.42 -8.02 26.53
N LEU A 98 4.32 -8.88 26.03
CA LEU A 98 3.88 -10.05 25.28
C LEU A 98 3.31 -11.13 26.21
N GLY A 99 4.12 -11.58 27.18
CA GLY A 99 3.66 -12.62 28.09
C GLY A 99 2.33 -12.29 28.75
N GLU A 100 2.11 -11.01 29.05
CA GLU A 100 0.82 -10.59 29.61
C GLU A 100 -0.29 -10.80 28.60
N LYS A 101 -0.11 -10.31 27.38
CA LYS A 101 -1.13 -10.47 26.35
C LYS A 101 -1.26 -11.93 25.93
N GLY A 102 -0.18 -12.69 25.97
CA GLY A 102 -0.25 -14.09 25.59
C GLY A 102 -1.08 -14.91 26.54
N LYS A 103 -0.86 -14.72 27.85
CA LYS A 103 -1.64 -15.46 28.84
C LYS A 103 -3.12 -15.11 28.75
N GLU A 104 -3.43 -13.84 28.44
CA GLU A 104 -4.83 -13.45 28.27
C GLU A 104 -5.48 -14.25 27.15
N ILE A 105 -4.86 -14.24 25.96
CA ILE A 105 -5.42 -14.98 24.84
C ILE A 105 -5.58 -16.46 25.20
N MET A 106 -4.60 -17.03 25.89
CA MET A 106 -4.66 -18.45 26.23
C MET A 106 -5.87 -18.77 27.09
N THR A 107 -6.00 -18.09 28.22
CA THR A 107 -7.07 -18.38 29.17
C THR A 107 -8.42 -17.83 28.75
N LYS A 108 -8.57 -17.39 27.51
CA LYS A 108 -9.84 -16.88 27.01
C LYS A 108 -10.36 -17.63 25.80
N TYR A 109 -9.48 -18.06 24.90
CA TYR A 109 -9.87 -18.78 23.70
C TYR A 109 -9.37 -20.22 23.66
N LEU A 110 -8.14 -20.45 24.11
CA LEU A 110 -7.48 -21.75 23.97
C LEU A 110 -7.54 -22.58 25.25
N THR A 111 -8.51 -22.30 26.13
CA THR A 111 -8.74 -23.10 27.32
C THR A 111 -10.01 -23.93 27.11
N PRO A 112 -9.94 -25.26 27.14
CA PRO A 112 -11.12 -26.07 26.78
C PRO A 112 -12.33 -25.79 27.66
N LYS A 113 -12.16 -25.12 28.79
CA LYS A 113 -13.28 -24.76 29.66
C LYS A 113 -13.90 -23.43 29.31
N SER A 114 -13.21 -22.60 28.51
CA SER A 114 -13.69 -21.26 28.21
C SER A 114 -15.07 -21.30 27.56
N PRO A 115 -15.79 -20.18 27.58
CA PRO A 115 -17.09 -20.11 26.88
C PRO A 115 -16.92 -19.91 25.38
N VAL A 116 -15.83 -19.24 25.00
CA VAL A 116 -15.54 -18.95 23.60
C VAL A 116 -14.31 -19.77 23.19
N PHE A 117 -14.29 -21.04 23.56
CA PHE A 117 -13.15 -21.89 23.28
C PHE A 117 -13.10 -22.28 21.81
N ILE A 118 -11.90 -22.28 21.26
CA ILE A 118 -11.66 -22.71 19.88
C ILE A 118 -11.48 -24.22 19.90
N ALA A 119 -12.46 -24.94 19.34
CA ALA A 119 -12.44 -26.39 19.34
C ALA A 119 -11.74 -26.98 18.12
N GLN A 120 -11.64 -26.22 17.02
CA GLN A 120 -11.09 -26.76 15.78
C GLN A 120 -9.58 -26.80 15.76
N VAL A 121 -8.90 -26.24 16.76
CA VAL A 121 -7.47 -26.44 16.93
C VAL A 121 -7.29 -27.72 17.72
N GLY A 122 -6.46 -28.62 17.21
CA GLY A 122 -6.30 -29.91 17.86
C GLY A 122 -5.82 -29.76 19.29
N GLN A 123 -6.17 -30.74 20.12
CA GLN A 123 -5.68 -30.77 21.49
C GLN A 123 -4.16 -30.85 21.51
N ASP A 124 -3.53 -31.35 20.45
CA ASP A 124 -2.08 -31.40 20.34
C ASP A 124 -1.49 -30.11 19.78
N LEU A 125 -2.28 -29.04 19.70
CA LEU A 125 -1.78 -27.72 19.32
C LEU A 125 -2.00 -26.69 20.41
N VAL A 126 -3.15 -26.72 21.09
CA VAL A 126 -3.29 -25.92 22.31
C VAL A 126 -2.20 -26.27 23.30
N SER A 127 -1.82 -27.56 23.35
CA SER A 127 -0.75 -27.96 24.25
C SER A 127 0.58 -27.32 23.87
N GLN A 128 0.83 -27.15 22.56
CA GLN A 128 2.10 -26.60 22.13
C GLN A 128 2.23 -25.13 22.50
N THR A 129 1.18 -24.34 22.24
CA THR A 129 1.23 -22.92 22.57
C THR A 129 1.39 -22.70 24.07
N GLU A 130 0.90 -23.64 24.89
CA GLU A 130 1.13 -23.55 26.32
C GLU A 130 2.62 -23.70 26.64
N GLU A 131 3.32 -24.56 25.89
CA GLU A 131 4.76 -24.72 26.10
C GLU A 131 5.51 -23.50 25.59
N LYS A 132 5.20 -23.07 24.35
CA LYS A 132 5.82 -21.87 23.80
C LYS A 132 5.87 -20.73 24.82
N LEU A 133 4.75 -20.49 25.50
CA LEU A 133 4.71 -19.46 26.53
C LEU A 133 5.70 -19.77 27.65
N LEU A 134 5.68 -21.01 28.15
CA LEU A 134 6.62 -21.39 29.19
C LEU A 134 8.05 -21.08 28.77
N GLN A 135 8.40 -21.35 27.51
CA GLN A 135 9.72 -21.00 27.00
C GLN A 135 9.89 -19.49 27.09
N LYS A 136 9.43 -18.76 26.07
CA LYS A 136 9.54 -17.30 26.04
C LYS A 136 8.49 -16.77 25.07
N PRO A 137 7.90 -15.61 25.35
CA PRO A 137 6.95 -15.03 24.40
C PRO A 137 7.63 -14.64 23.09
N CYS A 138 7.09 -15.15 21.99
CA CYS A 138 7.50 -14.77 20.64
C CYS A 138 6.28 -14.18 19.92
N LYS A 139 6.52 -13.18 19.08
CA LYS A 139 5.43 -12.43 18.46
C LYS A 139 4.61 -13.26 17.49
N GLU A 140 5.07 -14.46 17.12
CA GLU A 140 4.33 -15.37 16.25
C GLU A 140 3.84 -16.58 17.02
N LEU A 141 3.67 -16.43 18.35
CA LEU A 141 3.24 -17.54 19.19
C LEU A 141 1.97 -18.19 18.64
N PHE A 142 1.00 -17.38 18.23
CA PHE A 142 -0.29 -17.88 17.78
C PHE A 142 -0.38 -18.02 16.27
N SER A 143 0.76 -18.03 15.57
CA SER A 143 0.74 -18.19 14.12
C SER A 143 0.19 -19.56 13.73
N ALA A 144 0.65 -20.62 14.42
CA ALA A 144 0.16 -21.96 14.11
C ALA A 144 -1.34 -22.05 14.37
N CYS A 145 -1.81 -21.49 15.49
CA CYS A 145 -3.24 -21.51 15.79
C CYS A 145 -4.02 -20.75 14.73
N ALA A 146 -3.67 -19.48 14.51
CA ALA A 146 -4.41 -18.66 13.56
C ALA A 146 -4.55 -19.36 12.20
N GLN A 147 -3.49 -20.04 11.77
CA GLN A 147 -3.54 -20.73 10.48
C GLN A 147 -4.53 -21.89 10.53
N SER A 148 -4.61 -22.58 11.67
CA SER A 148 -5.59 -23.65 11.81
C SER A 148 -7.01 -23.09 11.80
N VAL A 149 -7.21 -21.91 12.41
CA VAL A 149 -8.52 -21.30 12.40
C VAL A 149 -8.94 -20.97 10.98
N HIS A 150 -8.03 -20.34 10.22
CA HIS A 150 -8.31 -20.10 8.81
C HIS A 150 -8.49 -21.41 8.05
N GLU A 151 -7.76 -22.46 8.43
CA GLU A 151 -7.94 -23.75 7.81
C GLU A 151 -9.35 -24.28 8.01
N TYR A 152 -10.01 -23.88 9.09
CA TYR A 152 -11.38 -24.30 9.36
C TYR A 152 -12.41 -23.41 8.69
N LEU A 153 -12.16 -22.10 8.63
CA LEU A 153 -13.14 -21.18 8.08
C LEU A 153 -13.18 -21.23 6.55
N ARG A 154 -12.06 -21.60 5.92
CA ARG A 154 -12.06 -21.74 4.46
C ARG A 154 -12.89 -22.94 4.01
N GLY A 155 -13.24 -23.85 4.93
CA GLY A 155 -14.03 -25.00 4.58
C GLY A 155 -15.52 -24.74 4.66
N GLU A 156 -16.19 -25.37 5.63
CA GLU A 156 -17.64 -25.22 5.72
C GLU A 156 -18.06 -23.77 5.93
N PRO A 157 -17.62 -23.08 6.98
CA PRO A 157 -18.13 -21.71 7.23
C PRO A 157 -18.09 -20.82 6.00
N PHE A 158 -17.07 -20.97 5.15
CA PHE A 158 -16.99 -20.13 3.95
C PHE A 158 -18.05 -20.51 2.93
N HIS A 159 -18.30 -21.81 2.75
CA HIS A 159 -19.30 -22.22 1.76
C HIS A 159 -20.72 -21.94 2.25
N GLU A 160 -20.93 -21.89 3.56
CA GLU A 160 -22.24 -21.48 4.07
C GLU A 160 -22.44 -19.98 3.86
N TYR A 161 -21.38 -19.19 4.06
CA TYR A 161 -21.44 -17.76 3.78
C TYR A 161 -21.79 -17.49 2.32
N LEU A 162 -21.28 -18.33 1.41
CA LEU A 162 -21.56 -18.13 -0.01
C LEU A 162 -23.04 -18.27 -0.31
N ASP A 163 -23.78 -19.04 0.49
CA ASP A 163 -25.22 -19.19 0.34
C ASP A 163 -26.00 -18.34 1.32
N SER A 164 -25.36 -17.34 1.92
CA SER A 164 -26.00 -16.46 2.89
C SER A 164 -26.35 -15.13 2.24
N MET A 165 -27.22 -14.37 2.91
CA MET A 165 -27.59 -13.05 2.41
C MET A 165 -26.44 -12.05 2.47
N PHE A 166 -25.37 -12.37 3.20
CA PHE A 166 -24.22 -11.47 3.26
C PHE A 166 -23.37 -11.57 2.01
N PHE A 167 -23.28 -12.75 1.39
CA PHE A 167 -22.59 -12.84 0.12
C PHE A 167 -23.43 -12.26 -1.00
N ASP A 168 -24.76 -12.35 -0.91
CA ASP A 168 -25.61 -11.62 -1.85
C ASP A 168 -25.41 -10.13 -1.70
N ARG A 169 -25.27 -9.65 -0.46
CA ARG A 169 -24.97 -8.23 -0.24
C ARG A 169 -23.60 -7.87 -0.80
N PHE A 170 -22.64 -8.80 -0.71
CA PHE A 170 -21.33 -8.56 -1.32
C PHE A 170 -21.46 -8.41 -2.83
N LEU A 171 -22.30 -9.25 -3.46
CA LEU A 171 -22.51 -9.13 -4.90
C LEU A 171 -23.09 -7.76 -5.25
N GLN A 172 -23.99 -7.24 -4.41
CA GLN A 172 -24.51 -5.89 -4.64
C GLN A 172 -23.40 -4.86 -4.59
N TRP A 173 -22.48 -4.98 -3.62
CA TRP A 173 -21.37 -4.04 -3.54
C TRP A 173 -20.45 -4.18 -4.74
N LYS A 174 -20.21 -5.41 -5.20
CA LYS A 174 -19.41 -5.58 -6.41
C LYS A 174 -20.09 -4.95 -7.62
N TRP A 175 -21.41 -5.10 -7.72
CA TRP A 175 -22.15 -4.47 -8.80
C TRP A 175 -21.90 -2.96 -8.82
N LEU A 176 -22.04 -2.30 -7.67
CA LEU A 176 -21.76 -0.88 -7.59
C LEU A 176 -20.31 -0.59 -7.96
N GLU A 177 -19.38 -1.42 -7.49
CA GLU A 177 -17.97 -1.21 -7.79
C GLU A 177 -17.72 -1.23 -9.29
N ARG A 178 -18.40 -2.13 -10.01
CA ARG A 178 -18.21 -2.29 -11.45
C ARG A 178 -18.79 -1.15 -12.26
N GLN A 179 -19.60 -0.28 -11.65
CA GLN A 179 -20.28 0.76 -12.40
C GLN A 179 -19.27 1.64 -13.14
N PRO A 180 -19.66 2.23 -14.27
CA PRO A 180 -18.72 3.05 -15.04
C PRO A 180 -18.33 4.30 -14.28
N VAL A 181 -17.12 4.79 -14.58
CA VAL A 181 -16.58 5.99 -13.98
C VAL A 181 -16.34 7.01 -15.07
N THR A 182 -16.89 8.22 -14.91
CA THR A 182 -16.71 9.29 -15.86
C THR A 182 -16.24 10.55 -15.15
N LYS A 183 -16.17 11.67 -15.87
CA LYS A 183 -15.82 12.93 -15.25
C LYS A 183 -16.87 13.36 -14.22
N ASN A 184 -18.14 13.03 -14.48
CA ASN A 184 -19.22 13.40 -13.57
C ASN A 184 -19.19 12.62 -12.27
N THR A 185 -18.31 11.62 -12.14
CA THR A 185 -18.18 10.92 -10.88
C THR A 185 -17.41 11.75 -9.85
N PHE A 186 -16.56 12.66 -10.31
CA PHE A 186 -15.68 13.44 -9.46
C PHE A 186 -16.02 14.92 -9.53
N ARG A 187 -15.40 15.69 -8.65
CA ARG A 187 -15.57 17.14 -8.59
C ARG A 187 -14.17 17.75 -8.55
N GLN A 188 -13.74 18.29 -9.69
CA GLN A 188 -12.38 18.82 -9.80
C GLN A 188 -12.27 20.12 -9.01
N TYR A 189 -11.13 20.32 -8.35
CA TYR A 189 -10.91 21.55 -7.59
C TYR A 189 -9.72 22.34 -8.14
N ARG A 190 -8.59 22.32 -7.43
CA ARG A 190 -7.47 23.20 -7.72
C ARG A 190 -6.28 22.40 -8.24
N VAL A 191 -5.50 23.05 -9.11
CA VAL A 191 -4.34 22.43 -9.72
C VAL A 191 -3.20 22.46 -8.70
N LEU A 192 -2.94 21.32 -8.06
CA LEU A 192 -1.92 21.20 -7.02
C LEU A 192 -0.79 20.31 -7.55
N GLY A 193 0.09 20.90 -8.32
CA GLY A 193 1.24 20.21 -8.87
C GLY A 193 1.18 20.09 -10.39
N LYS A 194 2.35 20.04 -11.01
CA LYS A 194 2.48 19.89 -12.46
C LYS A 194 3.62 18.94 -12.75
N GLY A 195 3.85 18.68 -14.03
CA GLY A 195 4.91 17.78 -14.45
C GLY A 195 4.94 17.54 -15.95
N GLY A 196 5.01 16.26 -16.33
CA GLY A 196 5.08 15.87 -17.73
C GLY A 196 3.78 15.23 -18.18
N PHE A 197 3.48 15.39 -19.47
CA PHE A 197 2.26 14.86 -20.09
C PHE A 197 1.01 15.52 -19.53
N GLY A 198 1.13 16.43 -18.57
CA GLY A 198 -0.05 17.08 -18.00
C GLY A 198 0.28 17.69 -16.65
N GLU A 199 -0.75 17.74 -15.79
CA GLU A 199 -0.62 18.32 -14.47
C GLU A 199 -1.28 17.38 -13.45
N VAL A 200 -1.21 17.77 -12.17
CA VAL A 200 -1.82 17.04 -11.08
C VAL A 200 -2.82 17.96 -10.39
N CYS A 201 -4.07 17.52 -10.30
CA CYS A 201 -5.14 18.27 -9.68
C CYS A 201 -5.55 17.61 -8.37
N ALA A 202 -6.62 18.12 -7.76
CA ALA A 202 -7.21 17.55 -6.56
C ALA A 202 -8.70 17.42 -6.79
N CYS A 203 -9.20 16.19 -6.86
CA CYS A 203 -10.60 15.91 -7.14
C CYS A 203 -11.26 15.29 -5.91
N GLN A 204 -12.58 15.13 -6.01
CA GLN A 204 -13.38 14.58 -4.92
C GLN A 204 -14.51 13.77 -5.51
N VAL A 205 -14.71 12.56 -4.99
CA VAL A 205 -15.86 11.76 -5.40
C VAL A 205 -17.12 12.40 -4.83
N ARG A 206 -18.05 12.77 -5.71
CA ARG A 206 -19.24 13.46 -5.27
C ARG A 206 -20.06 12.61 -4.31
N ALA A 207 -20.21 11.32 -4.60
CA ALA A 207 -21.13 10.49 -3.85
C ALA A 207 -20.61 10.15 -2.46
N THR A 208 -19.28 10.14 -2.29
CA THR A 208 -18.68 9.77 -1.02
C THR A 208 -17.95 10.92 -0.34
N GLY A 209 -17.47 11.90 -1.10
CA GLY A 209 -16.79 13.04 -0.53
C GLY A 209 -15.33 12.81 -0.21
N LYS A 210 -14.73 11.73 -0.71
CA LYS A 210 -13.32 11.47 -0.44
C LYS A 210 -12.44 12.24 -1.41
N MET A 211 -11.36 12.82 -0.89
CA MET A 211 -10.43 13.60 -1.68
C MET A 211 -9.39 12.70 -2.33
N TYR A 212 -9.01 13.06 -3.56
CA TYR A 212 -7.99 12.33 -4.31
C TYR A 212 -7.11 13.34 -5.03
N ALA A 213 -6.17 12.83 -5.83
CA ALA A 213 -5.27 13.66 -6.62
C ALA A 213 -5.33 13.19 -8.06
N CYS A 214 -6.03 13.95 -8.91
CA CYS A 214 -6.09 13.63 -10.33
C CYS A 214 -4.72 13.81 -10.98
N LYS A 215 -4.40 12.94 -11.93
CA LYS A 215 -3.20 13.07 -12.75
C LYS A 215 -3.67 13.14 -14.21
N ARG A 216 -4.09 14.34 -14.62
CA ARG A 216 -4.59 14.54 -15.97
C ARG A 216 -3.45 14.43 -16.97
N LEU A 217 -3.53 13.45 -17.86
CA LEU A 217 -2.56 13.25 -18.93
C LEU A 217 -3.24 13.61 -20.25
N GLU A 218 -2.77 14.68 -20.90
CA GLU A 218 -3.39 15.13 -22.14
C GLU A 218 -3.13 14.12 -23.24
N LYS A 219 -4.20 13.72 -23.94
CA LYS A 219 -4.07 12.70 -24.98
C LYS A 219 -3.19 13.18 -26.12
N LYS A 220 -3.40 14.42 -26.58
CA LYS A 220 -2.63 14.92 -27.71
C LYS A 220 -1.14 14.88 -27.42
N ARG A 221 -0.77 15.18 -26.18
CA ARG A 221 0.64 15.16 -25.78
C ARG A 221 1.19 13.74 -25.70
N ILE A 222 0.33 12.73 -25.61
CA ILE A 222 0.81 11.35 -25.56
C ILE A 222 0.98 10.78 -26.95
N LYS A 223 0.08 11.09 -27.88
CA LYS A 223 0.22 10.60 -29.25
C LYS A 223 1.41 11.25 -29.95
N LYS A 224 1.48 12.58 -29.89
CA LYS A 224 2.61 13.29 -30.49
C LYS A 224 3.94 12.77 -29.97
N ARG A 225 3.99 12.45 -28.68
CA ARG A 225 5.22 12.01 -28.02
C ARG A 225 5.40 10.49 -28.08
N LYS A 226 4.42 9.76 -28.59
CA LYS A 226 4.54 8.31 -28.77
C LYS A 226 5.03 7.63 -27.49
N GLY A 227 4.27 7.86 -26.42
CA GLY A 227 4.57 7.25 -25.13
C GLY A 227 3.38 6.57 -24.51
N GLU A 228 2.54 5.97 -25.36
CA GLU A 228 1.33 5.31 -24.87
C GLU A 228 1.68 4.08 -24.03
N SER A 229 2.74 3.37 -24.39
CA SER A 229 3.15 2.21 -23.58
C SER A 229 3.68 2.63 -22.22
N MET A 230 4.17 3.87 -22.08
CA MET A 230 4.67 4.34 -20.79
C MET A 230 3.53 4.73 -19.86
N ALA A 231 2.48 5.36 -20.40
CA ALA A 231 1.34 5.72 -19.57
C ALA A 231 0.57 4.49 -19.12
N LEU A 232 0.41 3.52 -20.03
CA LEU A 232 -0.31 2.29 -19.67
C LEU A 232 0.50 1.46 -18.68
N ASN A 233 1.83 1.47 -18.82
CA ASN A 233 2.66 0.71 -17.89
C ASN A 233 2.63 1.32 -16.49
N GLU A 234 2.50 2.65 -16.40
CA GLU A 234 2.44 3.29 -15.09
C GLU A 234 1.10 3.01 -14.42
N LYS A 235 0.01 3.07 -15.18
CA LYS A 235 -1.31 2.81 -14.61
C LYS A 235 -1.42 1.37 -14.11
N GLN A 236 -0.93 0.41 -14.90
CA GLN A 236 -1.00 -0.99 -14.50
C GLN A 236 -0.16 -1.25 -13.26
N ILE A 237 1.01 -0.61 -13.16
CA ILE A 237 1.83 -0.76 -11.97
C ILE A 237 1.15 -0.15 -10.75
N LEU A 238 0.54 1.03 -10.94
CA LEU A 238 -0.10 1.70 -9.82
C LEU A 238 -1.28 0.91 -9.28
N GLU A 239 -2.03 0.24 -10.17
CA GLU A 239 -3.20 -0.51 -9.74
C GLU A 239 -2.83 -1.87 -9.15
N LYS A 240 -1.76 -2.49 -9.65
CA LYS A 240 -1.43 -3.85 -9.23
C LYS A 240 -0.88 -3.87 -7.81
N VAL A 241 -0.29 -2.78 -7.35
CA VAL A 241 0.32 -2.71 -6.03
C VAL A 241 -0.62 -1.97 -5.09
N ASN A 242 -0.77 -2.49 -3.87
CA ASN A 242 -1.46 -1.79 -2.80
C ASN A 242 -0.53 -1.78 -1.59
N SER A 243 -0.27 -0.59 -1.06
CA SER A 243 0.69 -0.45 0.02
C SER A 243 0.38 0.82 0.78
N GLN A 244 0.64 0.79 2.09
CA GLN A 244 0.50 2.00 2.89
C GLN A 244 1.57 3.04 2.57
N PHE A 245 2.60 2.65 1.80
CA PHE A 245 3.78 3.50 1.60
C PHE A 245 4.07 3.73 0.11
N VAL A 246 3.11 3.46 -0.76
CA VAL A 246 3.18 3.84 -2.17
C VAL A 246 1.83 4.43 -2.54
N VAL A 247 1.83 5.45 -3.41
CA VAL A 247 0.58 6.06 -3.85
C VAL A 247 -0.25 5.00 -4.57
N ASN A 248 -1.52 4.90 -4.18
CA ASN A 248 -2.42 3.90 -4.71
C ASN A 248 -3.32 4.49 -5.79
N LEU A 249 -3.64 3.66 -6.78
CA LEU A 249 -4.57 4.03 -7.84
C LEU A 249 -5.98 3.60 -7.43
N ALA A 250 -6.92 4.54 -7.49
CA ALA A 250 -8.31 4.28 -7.16
C ALA A 250 -9.21 4.22 -8.38
N TYR A 251 -9.02 5.11 -9.35
CA TYR A 251 -9.82 5.12 -10.57
C TYR A 251 -8.93 5.41 -11.76
N ALA A 252 -9.29 4.84 -12.91
CA ALA A 252 -8.65 5.15 -14.18
C ALA A 252 -9.76 5.32 -15.21
N TYR A 253 -9.99 6.54 -15.67
CA TYR A 253 -11.05 6.82 -16.62
C TYR A 253 -10.54 7.77 -17.69
N GLU A 254 -11.21 7.77 -18.84
CA GLU A 254 -10.87 8.66 -19.93
C GLU A 254 -11.88 9.80 -19.99
N THR A 255 -11.38 11.00 -20.24
CA THR A 255 -12.21 12.15 -20.56
C THR A 255 -11.83 12.65 -21.95
N LYS A 256 -12.84 13.05 -22.73
CA LYS A 256 -12.68 13.50 -24.11
C LYS A 256 -11.27 13.97 -24.47
N ASP A 257 -10.63 14.75 -23.59
CA ASP A 257 -9.37 15.39 -23.92
C ASP A 257 -8.15 14.74 -23.26
N ALA A 258 -8.31 14.14 -22.08
CA ALA A 258 -7.19 13.61 -21.33
C ALA A 258 -7.52 12.22 -20.78
N LEU A 259 -6.48 11.53 -20.31
CA LEU A 259 -6.62 10.25 -19.61
C LEU A 259 -6.23 10.48 -18.15
N CYS A 260 -7.18 10.32 -17.25
CA CYS A 260 -7.01 10.69 -15.85
C CYS A 260 -6.60 9.49 -15.01
N LEU A 261 -5.78 9.77 -13.99
CA LEU A 261 -5.38 8.80 -12.98
C LEU A 261 -5.72 9.39 -11.62
N VAL A 262 -6.52 8.68 -10.84
CA VAL A 262 -6.97 9.15 -9.53
C VAL A 262 -6.13 8.45 -8.46
N LEU A 263 -5.27 9.21 -7.79
CA LEU A 263 -4.26 8.67 -6.89
C LEU A 263 -4.48 9.17 -5.48
N THR A 264 -3.76 8.55 -4.54
CA THR A 264 -3.79 8.99 -3.15
C THR A 264 -3.35 10.44 -3.04
N ILE A 265 -4.13 11.24 -2.32
CA ILE A 265 -3.78 12.63 -2.10
C ILE A 265 -2.75 12.72 -0.98
N MET A 266 -1.75 13.56 -1.17
CA MET A 266 -0.67 13.77 -0.20
C MET A 266 -0.52 15.26 0.03
N ASN A 267 -0.93 15.73 1.21
CA ASN A 267 -0.99 17.15 1.51
C ASN A 267 0.08 17.63 2.48
N GLY A 268 0.98 16.75 2.92
CA GLY A 268 1.99 17.09 3.89
C GLY A 268 3.31 17.54 3.32
N GLY A 269 3.40 17.74 2.01
CA GLY A 269 4.66 18.12 1.39
C GLY A 269 5.55 16.92 1.10
N ASP A 270 6.67 17.21 0.48
CA ASP A 270 7.63 16.18 0.09
C ASP A 270 8.85 16.23 1.00
N LEU A 271 9.66 15.17 0.91
CA LEU A 271 10.79 15.02 1.82
C LEU A 271 11.90 16.01 1.53
N LYS A 272 12.07 16.42 0.27
CA LYS A 272 13.09 17.39 -0.05
C LYS A 272 12.82 18.72 0.67
N PHE A 273 11.58 19.18 0.64
CA PHE A 273 11.24 20.42 1.34
C PHE A 273 11.54 20.31 2.83
N HIS A 274 11.20 19.16 3.44
CA HIS A 274 11.40 19.00 4.87
C HIS A 274 12.87 18.77 5.23
N ILE A 275 13.68 18.26 4.30
CA ILE A 275 15.10 18.08 4.58
C ILE A 275 15.83 19.42 4.61
N TYR A 276 15.50 20.32 3.69
CA TYR A 276 16.27 21.53 3.49
C TYR A 276 15.59 22.78 4.03
N ASN A 277 14.29 22.96 3.78
CA ASN A 277 13.62 24.17 4.26
C ASN A 277 13.23 24.06 5.72
N MET A 278 12.84 22.86 6.15
CA MET A 278 12.46 22.62 7.54
C MET A 278 13.56 21.94 8.34
N GLY A 279 14.63 21.49 7.68
CA GLY A 279 15.69 20.75 8.34
C GLY A 279 16.85 21.63 8.76
N ASN A 280 17.94 20.96 9.14
CA ASN A 280 19.09 21.60 9.77
C ASN A 280 20.03 22.33 8.81
N PRO A 281 20.13 21.96 7.51
CA PRO A 281 19.44 20.90 6.75
C PRO A 281 19.72 19.49 7.27
N GLY A 282 18.76 18.59 7.12
CA GLY A 282 18.87 17.24 7.62
C GLY A 282 17.95 17.00 8.81
N PHE A 283 17.87 15.73 9.20
CA PHE A 283 17.10 15.28 10.34
C PHE A 283 18.02 14.61 11.35
N GLU A 284 17.50 14.43 12.56
CA GLU A 284 18.13 13.52 13.50
C GLU A 284 18.06 12.10 12.95
N GLU A 285 19.05 11.28 13.34
CA GLU A 285 19.08 9.89 12.88
C GLU A 285 17.76 9.18 13.16
N GLU A 286 17.22 9.36 14.37
CA GLU A 286 15.97 8.70 14.72
C GLU A 286 14.84 9.12 13.79
N ARG A 287 14.77 10.41 13.46
CA ARG A 287 13.72 10.86 12.55
C ARG A 287 13.92 10.29 11.15
N ALA A 288 15.17 10.25 10.68
CA ALA A 288 15.44 9.63 9.38
C ALA A 288 15.18 8.13 9.42
N LEU A 289 15.42 7.50 10.57
CA LEU A 289 15.11 6.08 10.72
C LEU A 289 13.65 5.81 10.37
N PHE A 290 12.74 6.63 10.89
CA PHE A 290 11.32 6.41 10.65
C PHE A 290 10.99 6.46 9.16
N TYR A 291 11.43 7.52 8.48
CA TYR A 291 11.15 7.65 7.06
C TYR A 291 11.80 6.54 6.25
N ALA A 292 13.02 6.14 6.63
CA ALA A 292 13.68 5.05 5.91
C ALA A 292 12.91 3.74 6.08
N ALA A 293 12.38 3.49 7.28
CA ALA A 293 11.62 2.27 7.51
C ALA A 293 10.40 2.22 6.60
N GLU A 294 9.64 3.32 6.51
CA GLU A 294 8.46 3.34 5.67
C GLU A 294 8.83 3.26 4.20
N ILE A 295 9.91 3.94 3.79
CA ILE A 295 10.36 3.84 2.40
C ILE A 295 10.75 2.41 2.07
N LEU A 296 11.49 1.76 2.97
CA LEU A 296 11.89 0.37 2.74
C LEU A 296 10.67 -0.53 2.57
N CYS A 297 9.63 -0.32 3.38
CA CYS A 297 8.41 -1.10 3.22
C CYS A 297 7.74 -0.82 1.89
N GLY A 298 7.75 0.45 1.46
CA GLY A 298 7.22 0.77 0.15
C GLY A 298 7.95 0.04 -0.97
N LEU A 299 9.28 -0.02 -0.88
CA LEU A 299 10.06 -0.72 -1.90
C LEU A 299 9.80 -2.22 -1.87
N GLU A 300 9.60 -2.78 -0.67
CA GLU A 300 9.34 -4.21 -0.54
C GLU A 300 8.02 -4.58 -1.20
N ASP A 301 6.99 -3.74 -1.05
CA ASP A 301 5.72 -4.01 -1.68
C ASP A 301 5.82 -3.90 -3.20
N LEU A 302 6.58 -2.93 -3.70
CA LEU A 302 6.83 -2.85 -5.13
C LEU A 302 7.57 -4.08 -5.62
N HIS A 303 8.59 -4.51 -4.89
CA HIS A 303 9.39 -5.66 -5.31
C HIS A 303 8.62 -6.97 -5.23
N ARG A 304 7.56 -7.04 -4.41
CA ARG A 304 6.73 -8.23 -4.40
C ARG A 304 6.14 -8.51 -5.79
N GLU A 305 5.83 -7.46 -6.54
CA GLU A 305 5.41 -7.58 -7.93
C GLU A 305 6.60 -7.54 -8.89
N ASN A 306 7.81 -7.80 -8.39
CA ASN A 306 9.03 -7.76 -9.20
C ASN A 306 9.07 -6.49 -10.05
N THR A 307 8.76 -5.37 -9.41
CA THR A 307 8.73 -4.06 -10.06
C THR A 307 9.80 -3.18 -9.43
N VAL A 308 10.66 -2.62 -10.28
CA VAL A 308 11.76 -1.76 -9.85
C VAL A 308 11.35 -0.31 -10.04
N TYR A 309 11.67 0.53 -9.05
CA TYR A 309 11.17 1.90 -9.00
C TYR A 309 12.04 2.86 -9.81
N ARG A 310 13.35 2.87 -9.55
CA ARG A 310 14.35 3.56 -10.36
C ARG A 310 14.29 5.08 -10.27
N ASN A 311 13.56 5.64 -9.31
CA ASN A 311 13.38 7.09 -9.27
C ASN A 311 13.42 7.63 -7.85
N LEU A 312 14.22 6.99 -6.99
CA LEU A 312 14.23 7.31 -5.56
C LEU A 312 15.03 8.58 -5.34
N LYS A 313 14.33 9.69 -5.11
CA LYS A 313 14.94 10.95 -4.72
C LYS A 313 14.00 11.64 -3.75
N PRO A 314 14.50 12.60 -2.96
CA PRO A 314 13.71 13.09 -1.82
C PRO A 314 12.41 13.77 -2.22
N GLU A 315 12.37 14.43 -3.38
CA GLU A 315 11.16 15.12 -3.79
C GLU A 315 10.04 14.18 -4.21
N ASN A 316 10.35 12.90 -4.43
CA ASN A 316 9.32 11.92 -4.76
C ASN A 316 8.71 11.26 -3.53
N ILE A 317 9.31 11.43 -2.36
CA ILE A 317 8.75 10.92 -1.10
C ILE A 317 7.83 12.00 -0.55
N LEU A 318 6.52 11.74 -0.57
CA LEU A 318 5.53 12.70 -0.11
C LEU A 318 5.05 12.33 1.29
N LEU A 319 4.53 13.33 2.00
CA LEU A 319 3.94 13.15 3.31
C LEU A 319 2.44 13.38 3.23
N ASP A 320 1.69 12.67 4.07
CA ASP A 320 0.24 12.79 4.12
C ASP A 320 -0.17 13.66 5.30
N ASP A 321 -1.47 13.70 5.57
CA ASP A 321 -1.99 14.57 6.62
C ASP A 321 -1.48 14.17 8.00
N TYR A 322 -1.14 12.89 8.17
CA TYR A 322 -0.73 12.38 9.48
C TYR A 322 0.77 12.39 9.70
N GLY A 323 1.56 12.53 8.64
CA GLY A 323 3.01 12.51 8.75
C GLY A 323 3.67 11.26 8.21
N HIS A 324 2.90 10.28 7.74
CA HIS A 324 3.49 9.12 7.08
C HIS A 324 3.82 9.47 5.62
N ILE A 325 4.69 8.65 5.04
CA ILE A 325 5.20 8.93 3.70
C ILE A 325 4.71 7.85 2.74
N ARG A 326 4.61 8.23 1.46
CA ARG A 326 4.38 7.29 0.38
C ARG A 326 5.34 7.62 -0.76
N ILE A 327 5.74 6.58 -1.49
CA ILE A 327 6.52 6.75 -2.70
C ILE A 327 5.58 7.22 -3.82
N SER A 328 6.01 8.23 -4.57
CA SER A 328 5.22 8.79 -5.63
C SER A 328 6.03 8.80 -6.92
N ASP A 329 5.35 9.13 -8.03
CA ASP A 329 5.98 9.21 -9.35
C ASP A 329 6.54 7.86 -9.76
N LEU A 330 5.64 6.97 -10.16
CA LEU A 330 6.00 5.67 -10.66
C LEU A 330 6.12 5.64 -12.19
N GLY A 331 6.29 6.80 -12.81
CA GLY A 331 6.43 6.85 -14.26
C GLY A 331 7.71 6.23 -14.78
N LEU A 332 8.72 6.08 -13.93
CA LEU A 332 9.96 5.43 -14.29
C LEU A 332 10.02 3.96 -13.86
N ALA A 333 8.95 3.45 -13.28
CA ALA A 333 8.93 2.07 -12.81
C ALA A 333 8.57 1.13 -13.94
N VAL A 334 9.07 -0.11 -13.84
CA VAL A 334 8.78 -1.15 -14.84
C VAL A 334 8.71 -2.49 -14.12
N LYS A 335 7.92 -3.40 -14.69
CA LYS A 335 7.73 -4.73 -14.13
C LYS A 335 8.78 -5.66 -14.73
N ILE A 336 9.67 -6.15 -13.89
CA ILE A 336 10.75 -7.03 -14.36
C ILE A 336 10.20 -8.45 -14.49
N PRO A 337 10.34 -9.09 -15.66
CA PRO A 337 9.95 -10.50 -15.77
C PRO A 337 10.81 -11.36 -14.85
N GLU A 338 10.15 -12.30 -14.17
CA GLU A 338 10.85 -13.16 -13.24
C GLU A 338 12.00 -13.88 -13.93
N GLY A 339 13.18 -13.83 -13.32
CA GLY A 339 14.36 -14.45 -13.89
C GLY A 339 14.97 -13.70 -15.05
N ASP A 340 14.63 -12.43 -15.23
CA ASP A 340 15.17 -11.63 -16.31
C ASP A 340 15.68 -10.31 -15.75
N LEU A 341 16.51 -9.63 -16.54
CA LEU A 341 17.04 -8.32 -16.22
C LEU A 341 16.64 -7.33 -17.30
N ILE A 342 16.85 -6.05 -17.01
CA ILE A 342 16.45 -4.97 -17.91
C ILE A 342 17.59 -3.99 -18.07
N ARG A 343 17.50 -3.17 -19.12
CA ARG A 343 18.41 -2.08 -19.37
C ARG A 343 17.64 -0.77 -19.42
N GLY A 344 18.26 0.30 -18.93
CA GLY A 344 17.65 1.61 -18.96
C GLY A 344 18.42 2.65 -18.19
N ARG A 345 19.14 3.52 -18.90
CA ARG A 345 19.84 4.64 -18.29
C ARG A 345 18.83 5.75 -18.07
N VAL A 346 18.07 5.63 -16.98
CA VAL A 346 17.00 6.56 -16.63
C VAL A 346 17.16 6.99 -15.18
N GLY A 347 16.53 8.12 -14.85
CA GLY A 347 16.52 8.64 -13.51
C GLY A 347 17.00 10.07 -13.49
N THR A 348 17.44 10.50 -12.31
CA THR A 348 17.90 11.86 -12.08
C THR A 348 19.40 11.85 -11.78
N VAL A 349 20.13 12.84 -12.31
CA VAL A 349 21.54 12.95 -12.02
C VAL A 349 21.76 12.94 -10.52
N GLY A 350 22.72 12.14 -10.06
CA GLY A 350 23.03 12.02 -8.66
C GLY A 350 22.29 10.91 -7.94
N TYR A 351 21.17 10.43 -8.50
CA TYR A 351 20.39 9.35 -7.89
C TYR A 351 20.31 8.15 -8.83
N MET A 352 21.35 7.90 -9.61
CA MET A 352 21.43 6.75 -10.49
C MET A 352 22.53 5.82 -10.01
N ALA A 353 22.18 4.56 -9.77
CA ALA A 353 23.15 3.58 -9.34
C ALA A 353 24.20 3.36 -10.42
N PRO A 354 25.41 2.92 -10.04
CA PRO A 354 26.45 2.71 -11.05
C PRO A 354 26.02 1.77 -12.18
N GLU A 355 25.31 0.69 -11.87
CA GLU A 355 24.87 -0.22 -12.92
C GLU A 355 23.93 0.46 -13.89
N VAL A 356 23.21 1.49 -13.44
CA VAL A 356 22.33 2.24 -14.33
C VAL A 356 23.15 3.22 -15.17
N LEU A 357 24.07 3.96 -14.52
CA LEU A 357 24.92 4.87 -15.27
C LEU A 357 25.70 4.15 -16.36
N ASN A 358 26.12 2.91 -16.08
CA ASN A 358 26.86 2.11 -17.04
C ASN A 358 25.98 1.45 -18.08
N ASN A 359 24.65 1.57 -17.96
CA ASN A 359 23.71 1.01 -18.92
C ASN A 359 23.89 -0.51 -19.02
N GLN A 360 23.78 -1.16 -17.86
CA GLN A 360 23.94 -2.60 -17.76
C GLN A 360 22.60 -3.27 -17.47
N ARG A 361 22.61 -4.60 -17.53
CA ARG A 361 21.43 -5.39 -17.17
C ARG A 361 21.36 -5.49 -15.64
N TYR A 362 20.33 -4.89 -15.06
CA TYR A 362 20.16 -4.85 -13.61
C TYR A 362 18.76 -5.31 -13.25
N GLY A 363 18.57 -5.56 -11.96
CA GLY A 363 17.27 -5.96 -11.44
C GLY A 363 16.67 -4.90 -10.53
N LEU A 364 16.42 -5.26 -9.28
CA LEU A 364 15.88 -4.34 -8.30
C LEU A 364 16.96 -3.53 -7.60
N SER A 365 18.24 -3.80 -7.90
CA SER A 365 19.31 -3.18 -7.15
C SER A 365 19.32 -1.66 -7.18
N PRO A 366 18.87 -0.98 -8.25
CA PRO A 366 18.87 0.50 -8.20
C PRO A 366 18.08 1.06 -7.03
N ASP A 367 17.04 0.36 -6.58
CA ASP A 367 16.20 0.90 -5.51
C ASP A 367 16.89 0.86 -4.16
N TYR A 368 17.77 -0.12 -3.94
CA TYR A 368 18.51 -0.15 -2.68
C TYR A 368 19.66 0.85 -2.69
N TRP A 369 20.26 1.10 -3.85
CA TRP A 369 21.17 2.23 -3.98
C TRP A 369 20.45 3.53 -3.64
N GLY A 370 19.26 3.73 -4.23
CA GLY A 370 18.49 4.92 -3.92
C GLY A 370 18.20 5.04 -2.44
N LEU A 371 17.78 3.95 -1.81
CA LEU A 371 17.51 3.98 -0.37
C LEU A 371 18.74 4.44 0.40
N GLY A 372 19.93 4.00 -0.01
CA GLY A 372 21.14 4.50 0.60
C GLY A 372 21.30 6.00 0.43
N CYS A 373 21.09 6.49 -0.81
CA CYS A 373 21.15 7.92 -1.05
C CYS A 373 20.21 8.69 -0.13
N LEU A 374 19.00 8.16 0.09
CA LEU A 374 18.01 8.88 0.88
C LEU A 374 18.40 8.93 2.35
N ILE A 375 18.79 7.79 2.92
CA ILE A 375 19.20 7.77 4.33
C ILE A 375 20.36 8.72 4.54
N TYR A 376 21.37 8.65 3.67
CA TYR A 376 22.50 9.56 3.77
C TYR A 376 22.04 11.01 3.71
N GLU A 377 21.23 11.34 2.71
CA GLU A 377 20.82 12.73 2.52
C GLU A 377 19.95 13.23 3.67
N MET A 378 19.14 12.36 4.26
CA MET A 378 18.33 12.78 5.39
C MET A 378 19.20 13.10 6.60
N ILE A 379 20.19 12.25 6.88
CA ILE A 379 21.02 12.45 8.07
C ILE A 379 21.98 13.61 7.88
N GLU A 380 22.67 13.65 6.74
CA GLU A 380 23.75 14.61 6.53
C GLU A 380 23.29 15.95 6.00
N GLY A 381 22.11 16.03 5.39
CA GLY A 381 21.65 17.27 4.81
C GLY A 381 22.23 17.59 3.45
N GLN A 382 22.85 16.62 2.79
CA GLN A 382 23.37 16.82 1.44
C GLN A 382 23.55 15.46 0.79
N SER A 383 23.76 15.46 -0.52
CA SER A 383 23.94 14.23 -1.27
C SER A 383 25.32 13.63 -0.97
N PRO A 384 25.44 12.31 -1.00
CA PRO A 384 26.74 11.69 -0.69
C PRO A 384 27.80 11.94 -1.74
N PHE A 385 27.45 12.48 -2.91
CA PHE A 385 28.42 12.72 -3.98
C PHE A 385 28.34 14.14 -4.53
N ARG A 386 27.59 15.02 -3.88
CA ARG A 386 27.53 16.43 -4.28
C ARG A 386 27.24 17.25 -3.04
N GLY A 387 28.18 18.11 -2.66
CA GLY A 387 27.95 18.98 -1.51
C GLY A 387 26.81 19.95 -1.76
N ARG A 388 26.15 20.34 -0.68
CA ARG A 388 25.05 21.30 -0.79
C ARG A 388 25.57 22.64 -1.30
N LYS A 389 26.78 23.02 -0.89
CA LYS A 389 27.41 24.27 -1.29
C LYS A 389 28.40 24.08 -2.45
N GLU A 390 28.33 22.95 -3.14
CA GLU A 390 29.26 22.61 -4.20
C GLU A 390 28.57 22.77 -5.56
N LYS A 391 29.32 23.30 -6.52
CA LYS A 391 28.82 23.51 -7.89
C LYS A 391 29.71 22.69 -8.82
N VAL A 392 29.20 21.56 -9.29
CA VAL A 392 29.98 20.62 -10.09
C VAL A 392 29.16 20.16 -11.29
N LYS A 393 29.87 19.71 -12.32
CA LYS A 393 29.25 19.32 -13.56
C LYS A 393 28.69 17.90 -13.46
N ARG A 394 27.64 17.63 -14.24
CA ARG A 394 27.03 16.30 -14.27
C ARG A 394 28.08 15.21 -14.35
N GLU A 395 29.16 15.45 -15.09
CA GLU A 395 30.16 14.41 -15.32
C GLU A 395 30.91 14.05 -14.04
N GLU A 396 31.28 15.06 -13.26
CA GLU A 396 31.99 14.80 -12.01
C GLU A 396 31.10 14.13 -10.99
N VAL A 397 29.79 14.38 -11.03
CA VAL A 397 28.88 13.71 -10.11
C VAL A 397 28.84 12.22 -10.42
N ASP A 398 28.88 11.87 -11.70
CA ASP A 398 28.89 10.46 -12.09
C ASP A 398 30.20 9.79 -11.72
N ARG A 399 31.33 10.46 -11.99
CA ARG A 399 32.62 9.90 -11.63
C ARG A 399 32.67 9.53 -10.16
N ARG A 400 32.19 10.43 -9.29
CA ARG A 400 32.17 10.12 -7.86
C ARG A 400 31.30 8.91 -7.56
N VAL A 401 30.13 8.84 -8.20
CA VAL A 401 29.23 7.71 -7.97
C VAL A 401 29.88 6.41 -8.39
N LEU A 402 30.78 6.46 -9.38
CA LEU A 402 31.41 5.25 -9.91
C LEU A 402 32.77 4.96 -9.31
N GLU A 403 33.42 5.94 -8.71
CA GLU A 403 34.80 5.77 -8.24
C GLU A 403 35.00 6.23 -6.80
N THR A 404 34.35 7.31 -6.38
CA THR A 404 34.61 7.90 -5.08
C THR A 404 33.83 7.19 -3.98
N GLU A 405 34.51 6.92 -2.87
CA GLU A 405 33.86 6.38 -1.68
C GLU A 405 33.31 7.53 -0.85
N GLU A 406 32.03 7.44 -0.50
CA GLU A 406 31.39 8.51 0.27
C GLU A 406 31.96 8.54 1.69
N VAL A 407 32.00 9.75 2.26
CA VAL A 407 32.49 9.96 3.61
C VAL A 407 31.32 10.25 4.53
N TYR A 408 31.47 9.86 5.79
CA TYR A 408 30.44 10.05 6.80
C TYR A 408 30.95 10.96 7.90
N SER A 409 30.03 11.41 8.74
CA SER A 409 30.34 12.36 9.80
C SER A 409 29.84 11.85 11.14
N HIS A 410 29.94 12.69 12.17
CA HIS A 410 29.44 12.31 13.49
C HIS A 410 27.93 12.33 13.59
N LYS A 411 27.23 12.80 12.55
CA LYS A 411 25.78 12.70 12.53
C LYS A 411 25.32 11.25 12.40
N PHE A 412 26.18 10.36 11.90
CA PHE A 412 25.84 8.96 11.69
C PHE A 412 26.33 8.14 12.88
N SER A 413 25.45 7.32 13.43
CA SER A 413 25.90 6.25 14.30
C SER A 413 26.65 5.22 13.48
N GLU A 414 27.40 4.36 14.17
CA GLU A 414 28.12 3.30 13.46
C GLU A 414 27.14 2.44 12.66
N GLU A 415 25.95 2.17 13.23
CA GLU A 415 24.95 1.41 12.49
C GLU A 415 24.47 2.17 11.26
N ALA A 416 24.30 3.49 11.38
CA ALA A 416 23.86 4.28 10.23
C ALA A 416 24.94 4.32 9.15
N LYS A 417 26.20 4.51 9.55
CA LYS A 417 27.29 4.43 8.58
C LYS A 417 27.28 3.09 7.86
N SER A 418 27.05 2.00 8.61
CA SER A 418 27.10 0.67 8.02
C SER A 418 26.05 0.49 6.93
N ILE A 419 24.77 0.73 7.28
CA ILE A 419 23.70 0.46 6.33
C ILE A 419 23.86 1.32 5.09
N CYS A 420 24.31 2.57 5.26
CA CYS A 420 24.53 3.44 4.11
C CYS A 420 25.67 2.93 3.24
N LYS A 421 26.79 2.54 3.88
CA LYS A 421 27.92 2.02 3.12
C LYS A 421 27.56 0.73 2.41
N MET A 422 26.70 -0.10 3.01
CA MET A 422 26.29 -1.34 2.37
C MET A 422 25.28 -1.11 1.25
N LEU A 423 24.36 -0.16 1.43
CA LEU A 423 23.40 0.15 0.38
C LEU A 423 24.07 0.90 -0.77
N LEU A 424 25.13 1.65 -0.48
CA LEU A 424 25.89 2.37 -1.50
C LEU A 424 27.06 1.54 -2.04
N THR A 425 26.98 0.22 -1.95
CA THR A 425 28.00 -0.65 -2.52
C THR A 425 27.96 -0.53 -4.03
N LYS A 426 29.09 -0.14 -4.63
CA LYS A 426 29.12 0.10 -6.07
C LYS A 426 28.71 -1.14 -6.84
N ASP A 427 29.10 -2.32 -6.34
CA ASP A 427 28.82 -3.59 -7.01
C ASP A 427 27.43 -4.07 -6.58
N ALA A 428 26.50 -4.08 -7.53
CA ALA A 428 25.13 -4.50 -7.21
C ALA A 428 25.07 -5.92 -6.69
N LYS A 429 26.13 -6.72 -6.86
CA LYS A 429 26.13 -8.09 -6.40
C LYS A 429 26.36 -8.20 -4.89
N GLN A 430 27.14 -7.27 -4.31
CA GLN A 430 27.39 -7.24 -2.88
C GLN A 430 26.56 -6.18 -2.16
N ARG A 431 25.59 -5.59 -2.83
CA ARG A 431 24.81 -4.52 -2.22
C ARG A 431 23.71 -5.09 -1.33
N LEU A 432 23.46 -4.39 -0.22
CA LEU A 432 22.47 -4.87 0.74
C LEU A 432 21.10 -4.96 0.09
N GLY A 433 20.35 -6.01 0.45
CA GLY A 433 19.03 -6.22 -0.09
C GLY A 433 19.00 -6.75 -1.52
N CYS A 434 20.14 -6.87 -2.18
CA CYS A 434 20.21 -7.33 -3.56
C CYS A 434 20.52 -8.82 -3.66
N GLN A 435 20.29 -9.57 -2.60
CA GLN A 435 20.45 -11.02 -2.61
C GLN A 435 19.07 -11.67 -2.79
N GLU A 436 19.07 -13.01 -2.82
CA GLU A 436 17.82 -13.75 -2.96
C GLU A 436 16.85 -13.47 -1.82
N GLU A 437 17.31 -12.88 -0.71
CA GLU A 437 16.45 -12.61 0.42
C GLU A 437 15.69 -11.29 0.28
N GLY A 438 16.30 -10.27 -0.32
CA GLY A 438 15.61 -9.04 -0.60
C GLY A 438 15.52 -8.08 0.57
N ALA A 439 14.38 -7.40 0.69
CA ALA A 439 14.22 -6.37 1.72
C ALA A 439 14.36 -6.93 3.13
N ALA A 440 14.17 -8.24 3.31
CA ALA A 440 14.31 -8.81 4.65
C ALA A 440 15.71 -8.61 5.19
N GLU A 441 16.73 -8.76 4.33
CA GLU A 441 18.11 -8.53 4.78
C GLU A 441 18.31 -7.11 5.29
N VAL A 442 17.62 -6.14 4.69
CA VAL A 442 17.77 -4.75 5.12
C VAL A 442 17.04 -4.52 6.44
N LYS A 443 15.94 -5.22 6.67
CA LYS A 443 15.17 -5.02 7.89
C LYS A 443 15.88 -5.55 9.13
N ARG A 444 16.79 -6.51 8.98
CA ARG A 444 17.55 -6.99 10.12
C ARG A 444 18.78 -6.14 10.40
N HIS A 445 19.11 -5.19 9.54
CA HIS A 445 20.34 -4.44 9.70
C HIS A 445 20.34 -3.73 11.05
N PRO A 446 21.47 -3.71 11.78
CA PRO A 446 21.49 -3.05 13.09
C PRO A 446 20.99 -1.62 13.08
N PHE A 447 20.94 -0.99 11.90
CA PHE A 447 20.42 0.37 11.81
C PHE A 447 18.94 0.42 12.20
N PHE A 448 18.20 -0.67 11.94
CA PHE A 448 16.80 -0.76 12.31
C PHE A 448 16.59 -1.56 13.60
N ARG A 449 17.65 -1.74 14.39
CA ARG A 449 17.56 -2.60 15.57
C ARG A 449 16.46 -2.17 16.52
N ASN A 450 16.17 -0.86 16.58
CA ASN A 450 15.14 -0.33 17.48
C ASN A 450 13.82 -0.10 16.77
N MET A 451 13.65 -0.66 15.58
CA MET A 451 12.46 -0.47 14.76
C MET A 451 11.62 -1.75 14.77
N ASN A 452 10.38 -1.64 15.21
CA ASN A 452 9.42 -2.75 15.18
C ASN A 452 8.59 -2.61 13.90
N PHE A 453 8.96 -3.37 12.87
CA PHE A 453 8.29 -3.22 11.58
C PHE A 453 6.83 -3.65 11.63
N LYS A 454 6.49 -4.62 12.49
CA LYS A 454 5.10 -5.04 12.61
C LYS A 454 4.23 -3.87 13.04
N ARG A 455 4.66 -3.13 14.08
CA ARG A 455 3.89 -1.98 14.53
C ARG A 455 3.88 -0.86 13.51
N LEU A 456 5.00 -0.68 12.79
CA LEU A 456 5.04 0.33 11.73
C LEU A 456 4.08 -0.04 10.60
N GLU A 457 4.13 -1.29 10.15
CA GLU A 457 3.21 -1.73 9.10
C GLU A 457 1.76 -1.57 9.52
N ALA A 458 1.47 -1.69 10.82
CA ALA A 458 0.12 -1.53 11.34
C ALA A 458 -0.22 -0.08 11.67
N GLY A 459 0.69 0.86 11.42
CA GLY A 459 0.41 2.25 11.66
C GLY A 459 0.39 2.67 13.11
N MET A 460 1.08 1.94 13.98
CA MET A 460 1.02 2.21 15.41
C MET A 460 2.15 3.12 15.91
N LEU A 461 3.15 3.40 15.08
CA LEU A 461 4.26 4.25 15.49
C LEU A 461 3.98 5.69 15.05
N ASP A 462 4.02 6.62 16.01
CA ASP A 462 3.72 8.01 15.69
C ASP A 462 4.78 8.59 14.77
N PRO A 463 4.39 9.26 13.68
CA PRO A 463 5.39 9.93 12.84
C PRO A 463 6.14 10.99 13.61
N PRO A 464 7.33 11.38 13.15
CA PRO A 464 8.10 12.41 13.87
C PRO A 464 7.70 13.84 13.55
N PHE A 465 6.87 14.06 12.54
CA PHE A 465 6.41 15.40 12.22
C PHE A 465 5.02 15.32 11.64
N VAL A 466 4.07 16.02 12.26
CA VAL A 466 2.68 16.04 11.83
C VAL A 466 2.43 17.37 11.11
N PRO A 467 2.13 17.36 9.82
CA PRO A 467 1.82 18.62 9.13
C PRO A 467 0.54 19.26 9.69
N ASP A 468 0.51 20.59 9.68
CA ASP A 468 -0.68 21.31 10.12
C ASP A 468 -1.73 21.30 9.01
N PRO A 469 -3.00 21.02 9.32
CA PRO A 469 -4.01 20.94 8.26
C PRO A 469 -4.05 22.14 7.34
N ARG A 470 -3.79 23.34 7.86
CA ARG A 470 -3.91 24.59 7.11
C ARG A 470 -2.59 25.00 6.48
N ALA A 471 -1.79 24.06 6.01
CA ALA A 471 -0.42 24.34 5.59
C ALA A 471 -0.29 24.33 4.08
N VAL A 472 0.76 25.00 3.60
CA VAL A 472 1.08 25.07 2.18
C VAL A 472 2.58 24.83 2.02
N TYR A 473 3.00 23.57 2.11
CA TYR A 473 4.42 23.22 2.00
C TYR A 473 4.85 23.15 0.54
N CYS A 474 4.80 24.30 -0.12
CA CYS A 474 5.20 24.39 -1.52
C CYS A 474 5.42 25.85 -1.92
N ASN A 490 -5.90 12.06 -34.76
CA ASN A 490 -6.71 12.44 -33.61
C ASN A 490 -7.94 11.55 -33.51
N LEU A 491 -8.53 11.21 -34.66
CA LEU A 491 -9.68 10.31 -34.73
C LEU A 491 -9.29 8.90 -35.18
N ASP A 492 -8.07 8.47 -34.86
CA ASP A 492 -7.61 7.15 -35.25
C ASP A 492 -8.28 6.09 -34.39
N HIS A 493 -8.29 4.86 -34.91
CA HIS A 493 -8.88 3.74 -34.18
C HIS A 493 -7.88 3.05 -33.26
N THR A 494 -6.59 3.08 -33.59
CA THR A 494 -5.59 2.53 -32.69
C THR A 494 -5.58 3.26 -31.36
N ASP A 495 -5.97 4.55 -31.37
CA ASP A 495 -6.10 5.28 -30.12
C ASP A 495 -7.29 4.79 -29.30
N ASP A 496 -8.37 4.38 -29.98
CA ASP A 496 -9.53 3.86 -29.26
C ASP A 496 -9.22 2.56 -28.56
N ASP A 497 -8.37 1.72 -29.17
CA ASP A 497 -7.98 0.47 -28.51
C ASP A 497 -7.05 0.73 -27.33
N PHE A 498 -6.22 1.76 -27.41
CA PHE A 498 -5.33 2.09 -26.31
C PHE A 498 -6.08 2.70 -25.13
N TYR A 499 -7.22 3.35 -25.40
CA TYR A 499 -8.00 3.94 -24.32
C TYR A 499 -8.79 2.89 -23.54
N SER A 500 -9.21 1.81 -24.21
CA SER A 500 -10.00 0.79 -23.53
C SER A 500 -9.15 0.02 -22.52
N LYS A 501 -7.90 -0.28 -22.87
CA LYS A 501 -7.01 -1.00 -21.96
C LYS A 501 -6.57 -0.13 -20.79
N PHE A 502 -6.72 1.19 -20.89
CA PHE A 502 -6.33 2.10 -19.82
C PHE A 502 -7.51 2.46 -18.92
N SER A 503 -8.64 2.86 -19.52
CA SER A 503 -9.80 3.32 -18.76
C SER A 503 -10.58 2.11 -18.24
N THR A 504 -9.94 1.39 -17.33
CA THR A 504 -10.53 0.20 -16.73
C THR A 504 -11.50 0.52 -15.59
N GLY A 505 -11.57 1.77 -15.15
CA GLY A 505 -12.51 2.14 -14.12
C GLY A 505 -11.95 2.06 -12.72
N SER A 506 -12.82 1.83 -11.74
CA SER A 506 -12.40 1.83 -10.35
C SER A 506 -11.51 0.63 -10.05
N VAL A 507 -10.67 0.77 -9.03
CA VAL A 507 -9.80 -0.30 -8.54
C VAL A 507 -10.45 -0.93 -7.31
N SER A 508 -10.47 -2.25 -7.27
CA SER A 508 -11.34 -2.97 -6.35
C SER A 508 -11.03 -2.60 -4.89
N ILE A 509 -9.82 -2.89 -4.44
CA ILE A 509 -9.49 -2.68 -3.03
C ILE A 509 -9.56 -1.20 -2.66
N PRO A 510 -8.93 -0.28 -3.39
CA PRO A 510 -9.07 1.14 -3.01
C PRO A 510 -10.52 1.62 -2.99
N TRP A 511 -11.33 1.18 -3.95
CA TRP A 511 -12.73 1.59 -3.98
C TRP A 511 -13.47 1.13 -2.73
N GLN A 512 -13.30 -0.14 -2.37
CA GLN A 512 -13.99 -0.66 -1.18
C GLN A 512 -13.50 0.05 0.08
N ASN A 513 -12.20 0.36 0.14
CA ASN A 513 -11.70 1.14 1.26
C ASN A 513 -12.30 2.53 1.29
N GLU A 514 -12.49 3.15 0.13
CA GLU A 514 -13.16 4.45 0.07
C GLU A 514 -14.56 4.37 0.65
N MET A 515 -15.29 3.29 0.34
CA MET A 515 -16.65 3.14 0.84
C MET A 515 -16.66 3.03 2.36
N ILE A 516 -15.70 2.30 2.92
CA ILE A 516 -15.65 2.11 4.37
C ILE A 516 -15.23 3.39 5.07
N GLU A 517 -14.16 4.02 4.56
CA GLU A 517 -13.64 5.23 5.20
C GLU A 517 -14.69 6.33 5.25
N THR A 518 -15.37 6.58 4.14
CA THR A 518 -16.41 7.61 4.10
C THR A 518 -17.67 7.21 4.85
N GLU A 519 -17.71 6.01 5.44
CA GLU A 519 -18.86 5.52 6.18
C GLU A 519 -20.09 5.34 5.29
N CYS A 520 -19.90 5.31 3.97
CA CYS A 520 -21.00 4.92 3.09
C CYS A 520 -21.39 3.47 3.32
N PHE A 521 -20.40 2.61 3.57
CA PHE A 521 -20.68 1.20 3.83
C PHE A 521 -21.47 1.03 5.13
N LYS A 522 -21.04 1.71 6.20
CA LYS A 522 -21.73 1.59 7.47
C LYS A 522 -23.19 2.01 7.34
N GLU A 523 -23.47 3.07 6.58
CA GLU A 523 -24.83 3.60 6.50
C GLU A 523 -25.71 2.78 5.57
N LEU A 524 -25.16 2.29 4.45
CA LEU A 524 -25.98 1.57 3.49
C LEU A 524 -26.13 0.10 3.84
N ASN A 525 -25.14 -0.49 4.52
CA ASN A 525 -25.13 -1.93 4.79
C ASN A 525 -26.09 -2.23 5.94
N VAL A 526 -27.38 -2.15 5.62
CA VAL A 526 -28.45 -2.43 6.58
C VAL A 526 -29.29 -3.58 6.03
N PHE A 527 -29.87 -4.34 6.95
CA PHE A 527 -30.68 -5.50 6.61
C PHE A 527 -32.07 -5.34 7.20
N GLY A 528 -32.84 -6.43 7.20
CA GLY A 528 -34.16 -6.43 7.77
C GLY A 528 -34.11 -6.48 9.29
N PRO A 529 -35.12 -5.93 9.95
CA PRO A 529 -35.13 -5.95 11.41
C PRO A 529 -35.16 -7.37 11.94
N ASN A 530 -34.33 -7.65 12.94
CA ASN A 530 -34.25 -8.97 13.57
C ASN A 530 -33.72 -10.02 12.58
N GLY A 531 -32.66 -9.66 11.85
CA GLY A 531 -31.99 -10.59 10.96
C GLY A 531 -32.89 -11.22 9.92
N THR A 532 -33.63 -10.40 9.19
CA THR A 532 -34.49 -10.86 8.12
C THR A 532 -34.01 -10.26 6.79
N LEU A 533 -34.55 -10.78 5.70
CA LEU A 533 -34.14 -10.33 4.38
C LEU A 533 -34.66 -8.92 4.11
N PRO A 534 -33.82 -7.98 3.70
CA PRO A 534 -34.32 -6.69 3.25
C PRO A 534 -34.93 -6.80 1.86
N PRO A 535 -35.70 -5.80 1.43
CA PRO A 535 -36.37 -5.91 0.12
C PRO A 535 -35.39 -6.15 -1.03
N ASP A 536 -34.29 -5.40 -1.08
CA ASP A 536 -33.34 -5.52 -2.20
C ASP A 536 -32.66 -6.87 -2.27
N LEU A 537 -32.75 -7.70 -1.22
CA LEU A 537 -32.13 -9.01 -1.21
C LEU A 537 -33.15 -10.14 -1.31
N ASN A 538 -34.42 -9.82 -1.51
CA ASN A 538 -35.49 -10.80 -1.61
C ASN A 538 -35.94 -10.91 -3.07
N ARG A 539 -35.79 -12.09 -3.65
CA ARG A 539 -36.08 -12.29 -5.06
C ARG A 539 -37.57 -12.36 -5.35
N ASN A 540 -38.42 -12.43 -4.33
CA ASN A 540 -39.86 -12.55 -4.54
C ASN A 540 -40.42 -11.27 -5.15
N HIS A 541 -40.42 -10.17 -4.39
CA HIS A 541 -40.88 -8.89 -4.91
C HIS A 541 -39.67 -8.04 -5.25
N PRO A 542 -39.45 -7.67 -6.52
CA PRO A 542 -38.33 -6.78 -6.85
C PRO A 542 -38.62 -5.32 -6.51
#